data_5MJG
#
_entry.id   5MJG
#
_cell.length_a   58.400
_cell.length_b   58.400
_cell.length_c   152.100
_cell.angle_alpha   90.000
_cell.angle_beta   90.000
_cell.angle_gamma   90.000
#
_symmetry.space_group_name_H-M   'P 41 21 2'
#
loop_
_entity.id
_entity.type
_entity.pdbx_description
1 polymer Thaumatin-1
2 non-polymer 'S,R MESO-TARTARIC ACID'
3 non-polymer 'SODIUM ION'
4 water water
#
_entity_poly.entity_id   1
_entity_poly.type   'polypeptide(L)'
_entity_poly.pdbx_seq_one_letter_code
;ATFEIVNRCSYTVWAAASKGDAALDAGGRQLNSGESWTINVEPGTNGGKIWARTDCYFDDSGSGICKTGDCGGLLRCKRF
GRPPTTLAEFSLNQYGKDYIDISNIKGFNVPMNFSPTTRGCRGVRCAADIVGQCPAKLKAPGGGCNDACTVFQTSEYCCT
TGKCGPTEYSRFFKRLCPDAFSYVLDKPTTVTCPGSSNYRVTFCPTA
;
_entity_poly.pdbx_strand_id   A
#
loop_
_chem_comp.id
_chem_comp.type
_chem_comp.name
_chem_comp.formula
NA non-polymer 'SODIUM ION' 'Na 1'
SRT non-polymer 'S,R MESO-TARTARIC ACID' 'C4 H6 O6'
#
# COMPACT_ATOMS: atom_id res chain seq x y z
N ALA A 1 4.06 -3.22 -17.89
CA ALA A 1 4.50 -4.12 -16.78
C ALA A 1 3.36 -5.04 -16.35
N THR A 2 3.71 -6.20 -15.82
CA THR A 2 2.75 -7.19 -15.35
C THR A 2 2.89 -7.34 -13.84
N PHE A 3 1.82 -7.01 -13.11
CA PHE A 3 1.75 -7.23 -11.67
C PHE A 3 0.85 -8.43 -11.39
N GLU A 4 1.29 -9.29 -10.47
CA GLU A 4 0.48 -10.39 -9.97
C GLU A 4 0.15 -10.11 -8.51
N ILE A 5 -1.15 -9.95 -8.22
CA ILE A 5 -1.61 -9.65 -6.87
C ILE A 5 -2.13 -10.95 -6.25
N VAL A 6 -1.44 -11.42 -5.21
CA VAL A 6 -1.77 -12.66 -4.54
C VAL A 6 -2.33 -12.34 -3.17
N ASN A 7 -3.36 -13.07 -2.76
CA ASN A 7 -3.96 -12.94 -1.43
C ASN A 7 -3.67 -14.23 -0.67
N ARG A 8 -2.65 -14.21 0.18
CA ARG A 8 -2.31 -15.33 1.03
C ARG A 8 -2.93 -15.22 2.42
N CYS A 9 -3.68 -14.16 2.69
CA CYS A 9 -4.37 -14.02 3.96
C CYS A 9 -5.45 -15.09 4.09
N SER A 10 -5.77 -15.44 5.33
CA SER A 10 -6.85 -16.39 5.59
C SER A 10 -8.22 -15.78 5.35
N TYR A 11 -8.31 -14.46 5.22
CA TYR A 11 -9.57 -13.76 5.01
C TYR A 11 -9.59 -13.12 3.62
N THR A 12 -10.81 -12.78 3.18
CA THR A 12 -10.97 -12.11 1.90
C THR A 12 -10.45 -10.68 1.98
N VAL A 13 -9.82 -10.23 0.91
CA VAL A 13 -9.45 -8.83 0.74
C VAL A 13 -9.93 -8.38 -0.62
N TRP A 14 -10.15 -7.07 -0.74
CA TRP A 14 -10.49 -6.43 -2.00
C TRP A 14 -9.31 -5.58 -2.42
N ALA A 15 -8.60 -6.02 -3.46
CA ALA A 15 -7.43 -5.31 -3.93
C ALA A 15 -7.82 -4.06 -4.69
N ALA A 16 -6.89 -3.11 -4.75
CA ALA A 16 -7.09 -1.87 -5.47
C ALA A 16 -5.78 -1.45 -6.12
N ALA A 17 -5.90 -0.76 -7.25
CA ALA A 17 -4.74 -0.26 -7.99
C ALA A 17 -5.15 1.05 -8.65
N SER A 18 -4.55 2.15 -8.23
CA SER A 18 -4.88 3.47 -8.74
C SER A 18 -3.63 4.33 -8.80
N LYS A 19 -3.64 5.29 -9.72
CA LYS A 19 -2.59 6.30 -9.82
C LYS A 19 -3.10 7.68 -9.46
N GLY A 20 -4.11 7.75 -8.61
CA GLY A 20 -4.64 9.02 -8.11
C GLY A 20 -5.78 9.61 -8.90
N ASP A 21 -5.64 9.69 -10.22
CA ASP A 21 -6.63 10.31 -11.10
C ASP A 21 -7.22 9.32 -12.09
N ALA A 22 -6.97 8.02 -11.93
CA ALA A 22 -7.47 7.03 -12.86
C ALA A 22 -7.13 5.64 -12.30
N ALA A 23 -7.97 4.67 -12.64
CA ALA A 23 -7.75 3.30 -12.20
C ALA A 23 -6.58 2.68 -12.95
N LEU A 24 -6.01 1.64 -12.33
CA LEU A 24 -4.97 0.83 -12.96
C LEU A 24 -5.57 -0.52 -13.32
N ASP A 25 -5.68 -0.78 -14.62
CA ASP A 25 -6.35 -1.98 -15.13
C ASP A 25 -7.81 -1.90 -14.69
N ALA A 26 -8.38 -2.93 -14.08
CA ALA A 26 -9.79 -2.89 -13.67
C ALA A 26 -10.04 -2.01 -12.46
N GLY A 27 -9.00 -1.63 -11.71
CA GLY A 27 -9.13 -0.75 -10.58
C GLY A 27 -9.29 -1.45 -9.25
N GLY A 28 -9.94 -2.61 -9.23
CA GLY A 28 -10.15 -3.34 -7.99
C GLY A 28 -10.86 -4.64 -8.26
N ARG A 29 -10.72 -5.55 -7.30
CA ARG A 29 -11.32 -6.87 -7.42
C ARG A 29 -11.35 -7.53 -6.05
N GLN A 30 -12.27 -8.48 -5.90
CA GLN A 30 -12.33 -9.29 -4.69
C GLN A 30 -11.34 -10.43 -4.79
N LEU A 31 -10.55 -10.64 -3.73
CA LEU A 31 -9.53 -11.69 -3.69
C LEU A 31 -9.80 -12.59 -2.48
N ASN A 32 -10.39 -13.74 -2.72
CA ASN A 32 -10.55 -14.73 -1.67
C ASN A 32 -9.18 -15.27 -1.25
N SER A 33 -9.18 -16.05 -0.16
CA SER A 33 -7.95 -16.64 0.33
C SER A 33 -7.29 -17.50 -0.74
N GLY A 34 -6.12 -17.09 -1.22
CA GLY A 34 -5.36 -17.85 -2.18
C GLY A 34 -5.54 -17.42 -3.64
N GLU A 35 -6.46 -16.50 -3.91
CA GLU A 35 -6.72 -16.07 -5.28
C GLU A 35 -5.67 -15.07 -5.75
N SER A 36 -5.30 -15.19 -7.02
CA SER A 36 -4.32 -14.30 -7.64
C SER A 36 -5.02 -13.44 -8.69
N TRP A 37 -4.52 -12.21 -8.86
CA TRP A 37 -5.08 -11.27 -9.82
C TRP A 37 -3.94 -10.70 -10.64
N THR A 38 -4.00 -10.92 -11.96
CA THR A 38 -2.98 -10.41 -12.88
C THR A 38 -3.52 -9.16 -13.55
N ILE A 39 -2.71 -8.09 -13.53
CA ILE A 39 -3.05 -6.83 -14.16
C ILE A 39 -1.86 -6.38 -15.00
N ASN A 40 -2.12 -5.41 -15.88
CA ASN A 40 -1.09 -4.84 -16.75
CA ASN A 40 -1.09 -4.84 -16.75
C ASN A 40 -1.06 -3.34 -16.54
N VAL A 41 0.08 -2.82 -16.09
CA VAL A 41 0.27 -1.40 -15.85
C VAL A 41 1.01 -0.83 -17.05
N GLU A 42 0.44 0.20 -17.67
CA GLU A 42 1.06 0.80 -18.83
C GLU A 42 2.46 1.28 -18.48
N PRO A 43 3.46 1.03 -19.33
CA PRO A 43 4.81 1.52 -19.04
C PRO A 43 4.83 3.04 -18.94
N GLY A 44 5.61 3.54 -17.98
CA GLY A 44 5.67 4.96 -17.70
C GLY A 44 4.74 5.43 -16.62
N THR A 45 3.87 4.57 -16.11
CA THR A 45 2.98 4.94 -15.01
C THR A 45 3.78 5.52 -13.86
N ASN A 46 3.38 6.72 -13.44
CA ASN A 46 4.08 7.45 -12.39
C ASN A 46 3.14 7.62 -11.20
N GLY A 47 3.60 7.22 -10.02
CA GLY A 47 2.81 7.39 -8.81
C GLY A 47 1.71 6.39 -8.61
N GLY A 48 1.81 5.21 -9.21
CA GLY A 48 0.81 4.18 -8.98
C GLY A 48 0.93 3.59 -7.58
N LYS A 49 -0.20 3.10 -7.07
CA LYS A 49 -0.24 2.47 -5.76
C LYS A 49 -1.18 1.27 -5.78
N ILE A 50 -0.76 0.21 -5.10
CA ILE A 50 -1.57 -0.98 -4.90
C ILE A 50 -1.77 -1.17 -3.41
N TRP A 51 -2.99 -1.48 -2.99
CA TRP A 51 -3.27 -1.70 -1.59
C TRP A 51 -4.42 -2.69 -1.46
N ALA A 52 -4.72 -3.07 -0.22
CA ALA A 52 -5.79 -4.01 0.10
C ALA A 52 -6.86 -3.32 0.91
N ARG A 53 -8.10 -3.77 0.73
CA ARG A 53 -9.24 -3.29 1.48
C ARG A 53 -9.88 -4.46 2.22
N THR A 54 -10.38 -4.21 3.42
CA THR A 54 -10.90 -5.25 4.30
C THR A 54 -12.33 -4.94 4.70
N ASP A 55 -13.14 -6.00 4.80
CA ASP A 55 -14.53 -5.89 5.24
C ASP A 55 -15.32 -4.93 4.35
N CYS A 56 -15.54 -5.38 3.11
CA CYS A 56 -16.26 -4.61 2.12
C CYS A 56 -17.64 -5.22 1.86
N TYR A 57 -18.54 -4.37 1.39
CA TYR A 57 -19.89 -4.78 0.99
C TYR A 57 -20.28 -3.93 -0.21
N PHE A 58 -20.42 -4.58 -1.37
CA PHE A 58 -20.69 -3.88 -2.62
C PHE A 58 -22.04 -4.29 -3.19
N ASP A 59 -22.66 -3.34 -3.89
CA ASP A 59 -23.92 -3.59 -4.58
C ASP A 59 -23.64 -4.19 -5.96
N ASP A 60 -24.68 -4.33 -6.78
CA ASP A 60 -24.51 -4.85 -8.12
C ASP A 60 -23.84 -3.83 -9.03
N SER A 61 -24.00 -2.54 -8.75
CA SER A 61 -23.37 -1.49 -9.52
C SER A 61 -21.92 -1.26 -9.13
N GLY A 62 -21.40 -2.01 -8.17
CA GLY A 62 -20.04 -1.82 -7.70
C GLY A 62 -19.87 -0.76 -6.64
N SER A 63 -20.96 -0.22 -6.11
CA SER A 63 -20.91 0.80 -5.07
C SER A 63 -21.12 0.15 -3.70
N GLY A 64 -20.38 0.64 -2.71
CA GLY A 64 -20.45 0.08 -1.38
C GLY A 64 -19.57 0.81 -0.39
N ILE A 65 -18.87 0.05 0.47
CA ILE A 65 -17.96 0.65 1.44
C ILE A 65 -17.05 -0.45 1.99
N CYS A 66 -15.86 -0.05 2.42
CA CYS A 66 -14.93 -0.91 3.12
C CYS A 66 -14.51 -0.25 4.42
N LYS A 67 -14.21 -1.06 5.43
CA LYS A 67 -13.77 -0.52 6.71
C LYS A 67 -12.35 0.04 6.65
N THR A 68 -11.53 -0.43 5.72
CA THR A 68 -10.21 0.15 5.51
C THR A 68 -9.93 0.22 4.02
N GLY A 69 -9.27 1.29 3.60
CA GLY A 69 -8.87 1.47 2.22
C GLY A 69 -9.98 1.86 1.28
N ASP A 70 -11.15 2.25 1.78
CA ASP A 70 -12.26 2.62 0.92
C ASP A 70 -11.84 3.71 -0.06
N CYS A 71 -12.23 3.55 -1.32
CA CYS A 71 -11.87 4.49 -2.37
C CYS A 71 -13.12 5.15 -2.95
N GLY A 72 -13.87 5.86 -2.11
CA GLY A 72 -15.08 6.51 -2.56
C GLY A 72 -16.27 5.58 -2.72
N GLY A 73 -16.22 4.41 -2.10
CA GLY A 73 -17.34 3.48 -2.14
C GLY A 73 -17.42 2.63 -3.38
N LEU A 74 -16.40 2.66 -4.24
CA LEU A 74 -16.41 1.89 -5.48
C LEU A 74 -15.60 0.62 -5.32
N LEU A 75 -16.05 -0.43 -6.02
CA LEU A 75 -15.26 -1.66 -6.11
C LEU A 75 -14.04 -1.43 -7.00
N ARG A 76 -14.24 -0.84 -8.17
CA ARG A 76 -13.15 -0.52 -9.09
C ARG A 76 -12.67 0.89 -8.78
N CYS A 77 -11.52 0.99 -8.11
CA CYS A 77 -11.05 2.27 -7.62
C CYS A 77 -10.50 3.14 -8.74
N LYS A 78 -10.93 4.40 -8.77
CA LYS A 78 -10.32 5.43 -9.59
C LYS A 78 -9.51 6.41 -8.75
N ARG A 79 -9.35 6.14 -7.45
CA ARG A 79 -8.74 7.06 -6.51
C ARG A 79 -8.12 6.26 -5.38
N PHE A 80 -7.07 6.84 -4.77
CA PHE A 80 -6.44 6.23 -3.60
C PHE A 80 -7.48 5.99 -2.51
N GLY A 81 -7.12 5.15 -1.54
CA GLY A 81 -8.06 4.72 -0.52
C GLY A 81 -7.91 5.46 0.80
N ARG A 82 -8.95 5.37 1.62
CA ARG A 82 -8.94 6.03 2.92
C ARG A 82 -8.02 5.28 3.88
N PRO A 83 -7.13 5.97 4.60
CA PRO A 83 -6.28 5.29 5.56
C PRO A 83 -7.09 4.59 6.63
N PRO A 84 -6.52 3.61 7.34
CA PRO A 84 -5.13 3.13 7.22
C PRO A 84 -4.94 2.11 6.11
N THR A 85 -3.89 2.28 5.30
CA THR A 85 -3.62 1.38 4.18
C THR A 85 -2.12 1.19 4.01
N THR A 86 -1.66 -0.05 4.14
CA THR A 86 -0.34 -0.41 3.65
C THR A 86 -0.29 -0.18 2.15
N LEU A 87 0.73 0.54 1.71
CA LEU A 87 0.81 1.00 0.32
C LEU A 87 1.98 0.33 -0.38
N ALA A 88 1.71 -0.19 -1.59
CA ALA A 88 2.75 -0.63 -2.50
C ALA A 88 2.84 0.43 -3.60
N GLU A 89 3.94 1.19 -3.58
CA GLU A 89 4.11 2.33 -4.46
C GLU A 89 5.14 2.02 -5.54
N PHE A 90 4.90 2.51 -6.74
CA PHE A 90 5.81 2.24 -7.84
C PHE A 90 5.73 3.34 -8.89
N SER A 91 6.90 3.71 -9.40
CA SER A 91 7.04 4.54 -10.60
C SER A 91 7.85 3.74 -11.62
N LEU A 92 7.34 3.67 -12.85
CA LEU A 92 7.90 2.79 -13.86
C LEU A 92 8.51 3.58 -15.01
N ASN A 93 9.59 3.04 -15.58
CA ASN A 93 10.20 3.58 -16.79
C ASN A 93 10.57 5.05 -16.61
N GLN A 94 11.33 5.32 -15.55
CA GLN A 94 11.80 6.66 -15.23
C GLN A 94 13.29 6.70 -15.59
N TYR A 95 13.58 7.04 -16.84
CA TYR A 95 14.95 7.07 -17.35
C TYR A 95 15.62 5.70 -17.23
N GLY A 96 14.92 4.68 -17.72
CA GLY A 96 15.46 3.33 -17.74
C GLY A 96 15.48 2.64 -16.41
N LYS A 97 14.65 3.05 -15.45
CA LYS A 97 14.65 2.46 -14.12
C LYS A 97 13.24 2.47 -13.56
N ASP A 98 12.87 1.36 -12.91
CA ASP A 98 11.67 1.31 -12.09
C ASP A 98 12.04 1.63 -10.65
N TYR A 99 11.08 2.18 -9.91
CA TYR A 99 11.26 2.50 -8.50
C TYR A 99 10.07 1.94 -7.73
N ILE A 100 10.35 1.11 -6.72
CA ILE A 100 9.32 0.51 -5.90
C ILE A 100 9.65 0.73 -4.44
N ASP A 101 8.60 0.72 -3.61
CA ASP A 101 8.76 0.85 -2.17
C ASP A 101 7.46 0.44 -1.49
N ILE A 102 7.55 0.19 -0.19
CA ILE A 102 6.39 -0.01 0.67
C ILE A 102 6.34 1.17 1.63
N SER A 103 5.13 1.64 1.92
CA SER A 103 4.94 2.85 2.71
C SER A 103 3.92 2.60 3.82
N ASN A 104 4.28 2.99 5.03
CA ASN A 104 3.35 3.10 6.14
C ASN A 104 2.96 4.55 6.44
N ILE A 105 3.23 5.46 5.49
CA ILE A 105 2.94 6.87 5.69
C ILE A 105 1.45 7.11 5.85
N LYS A 106 0.63 6.22 5.28
CA LYS A 106 -0.83 6.33 5.38
C LYS A 106 -1.41 5.21 6.24
N GLY A 107 -0.61 4.70 7.17
CA GLY A 107 -1.08 3.69 8.11
C GLY A 107 -0.65 2.29 7.74
N PHE A 108 -1.37 1.33 8.31
CA PHE A 108 -1.13 -0.08 8.06
C PHE A 108 -2.43 -0.84 8.34
N ASN A 109 -2.70 -1.85 7.52
CA ASN A 109 -3.89 -2.67 7.70
C ASN A 109 -3.60 -4.14 7.44
N VAL A 110 -2.89 -4.45 6.35
CA VAL A 110 -2.66 -5.84 5.95
C VAL A 110 -1.17 -6.06 5.71
N PRO A 111 -0.59 -7.15 6.22
CA PRO A 111 0.83 -7.42 5.91
C PRO A 111 1.03 -7.56 4.41
N MET A 112 2.22 -7.18 3.96
CA MET A 112 2.46 -7.04 2.53
C MET A 112 3.89 -7.38 2.19
N ASN A 113 4.08 -8.05 1.06
CA ASN A 113 5.38 -8.21 0.42
C ASN A 113 5.29 -7.71 -1.01
N PHE A 114 6.32 -6.98 -1.44
CA PHE A 114 6.38 -6.39 -2.77
C PHE A 114 7.73 -6.80 -3.38
N SER A 115 7.70 -7.75 -4.30
CA SER A 115 8.92 -8.29 -4.86
C SER A 115 8.80 -8.39 -6.38
N PRO A 116 9.93 -8.27 -7.09
CA PRO A 116 9.90 -8.40 -8.54
C PRO A 116 9.89 -9.86 -8.96
N THR A 117 9.15 -10.14 -10.04
CA THR A 117 9.13 -11.46 -10.65
C THR A 117 10.18 -11.60 -11.75
N THR A 118 11.16 -10.69 -11.80
CA THR A 118 12.24 -10.75 -12.76
C THR A 118 13.54 -10.46 -12.02
N ARG A 119 14.61 -10.26 -12.78
CA ARG A 119 15.95 -10.11 -12.23
C ARG A 119 16.39 -8.65 -12.31
N GLY A 120 17.33 -8.30 -11.44
CA GLY A 120 17.93 -6.98 -11.42
C GLY A 120 17.79 -6.21 -10.13
N CYS A 121 17.01 -6.70 -9.16
CA CYS A 121 16.79 -5.96 -7.93
C CYS A 121 16.21 -6.91 -6.89
N ARG A 122 15.98 -6.38 -5.68
CA ARG A 122 15.46 -7.12 -4.56
C ARG A 122 14.03 -6.67 -4.26
N GLY A 123 13.43 -7.32 -3.26
CA GLY A 123 12.08 -7.02 -2.82
C GLY A 123 12.06 -6.42 -1.42
N VAL A 124 10.90 -5.88 -1.06
CA VAL A 124 10.69 -5.29 0.25
C VAL A 124 9.43 -5.89 0.85
N ARG A 125 9.41 -6.00 2.18
CA ARG A 125 8.32 -6.64 2.90
C ARG A 125 8.05 -5.88 4.19
N CYS A 126 6.77 -5.84 4.57
CA CYS A 126 6.35 -5.34 5.89
C CYS A 126 5.28 -6.32 6.38
N ALA A 127 5.71 -7.32 7.16
CA ALA A 127 4.83 -8.39 7.60
C ALA A 127 4.68 -8.44 9.11
N ALA A 128 5.15 -7.42 9.83
CA ALA A 128 5.03 -7.41 11.28
C ALA A 128 3.56 -7.29 11.69
N ASP A 129 3.30 -7.54 12.97
CA ASP A 129 1.96 -7.44 13.52
C ASP A 129 1.70 -6.02 14.03
N ILE A 130 1.78 -5.07 13.09
CA ILE A 130 1.64 -3.66 13.43
C ILE A 130 0.28 -3.39 14.07
N VAL A 131 -0.75 -4.08 13.59
CA VAL A 131 -2.09 -3.88 14.15
C VAL A 131 -2.13 -4.39 15.59
N GLY A 132 -1.48 -5.51 15.86
CA GLY A 132 -1.47 -6.05 17.21
C GLY A 132 -0.72 -5.17 18.19
N GLN A 133 0.36 -4.55 17.72
CA GLN A 133 1.18 -3.68 18.56
C GLN A 133 0.80 -2.22 18.45
N CYS A 134 -0.20 -1.88 17.66
CA CYS A 134 -0.52 -0.50 17.39
C CYS A 134 -0.79 0.27 18.69
N PRO A 135 -0.21 1.46 18.87
CA PRO A 135 -0.58 2.28 20.05
C PRO A 135 -2.07 2.58 20.07
N ALA A 136 -2.59 2.79 21.28
CA ALA A 136 -4.02 2.97 21.46
C ALA A 136 -4.53 4.20 20.69
N LYS A 137 -3.74 5.28 20.68
CA LYS A 137 -4.18 6.51 20.05
C LYS A 137 -4.20 6.42 18.54
N LEU A 138 -3.53 5.42 17.96
CA LEU A 138 -3.51 5.23 16.52
C LEU A 138 -4.41 4.09 16.05
N LYS A 139 -4.92 3.26 16.96
CA LYS A 139 -5.80 2.16 16.55
C LYS A 139 -7.00 2.71 15.79
N ALA A 140 -7.39 1.98 14.74
CA ALA A 140 -8.57 2.31 13.95
C ALA A 140 -9.69 1.33 14.26
N PRO A 141 -10.88 1.80 14.66
CA PRO A 141 -11.96 0.85 14.99
C PRO A 141 -12.22 -0.17 13.89
N GLY A 142 -12.40 0.28 12.64
CA GLY A 142 -12.61 -0.65 11.56
C GLY A 142 -11.51 -1.68 11.41
N GLY A 143 -10.31 -1.37 11.89
CA GLY A 143 -9.17 -2.26 11.77
C GLY A 143 -8.00 -1.49 11.20
N GLY A 144 -6.80 -1.94 11.54
CA GLY A 144 -5.59 -1.31 11.06
C GLY A 144 -5.04 -0.31 12.07
N CYS A 145 -3.89 0.24 11.71
CA CYS A 145 -3.16 1.17 12.56
C CYS A 145 -2.93 2.47 11.79
N ASN A 146 -3.54 3.55 12.28
CA ASN A 146 -3.46 4.83 11.59
C ASN A 146 -2.09 5.49 11.78
N ASP A 147 -1.71 6.29 10.78
CA ASP A 147 -0.53 7.14 10.88
C ASP A 147 -0.85 8.40 11.67
N ALA A 148 0.20 9.01 12.23
CA ALA A 148 0.01 10.17 13.11
C ALA A 148 -0.55 11.37 12.37
N CYS A 149 -0.24 11.51 11.08
CA CYS A 149 -0.77 12.64 10.33
C CYS A 149 -2.29 12.54 10.18
N THR A 150 -2.78 11.37 9.77
CA THR A 150 -4.22 11.15 9.65
C THR A 150 -4.94 11.48 10.95
N VAL A 151 -4.35 11.13 12.08
CA VAL A 151 -5.05 11.27 13.36
C VAL A 151 -5.05 12.72 13.84
N PHE A 152 -3.86 13.31 13.97
CA PHE A 152 -3.72 14.57 14.70
C PHE A 152 -3.62 15.81 13.81
N GLN A 153 -3.35 15.64 12.52
CA GLN A 153 -3.35 16.75 11.56
C GLN A 153 -2.50 17.91 12.05
N THR A 154 -1.23 17.62 12.31
CA THR A 154 -0.26 18.63 12.70
C THR A 154 0.78 18.79 11.60
N SER A 155 1.44 19.95 11.59
CA SER A 155 2.49 20.19 10.60
C SER A 155 3.64 19.21 10.76
N GLU A 156 3.93 18.78 12.00
CA GLU A 156 5.06 17.89 12.23
C GLU A 156 4.76 16.48 11.73
N TYR A 157 3.59 15.95 12.07
CA TYR A 157 3.26 14.59 11.63
C TYR A 157 3.05 14.55 10.12
N CYS A 158 2.47 15.60 9.55
CA CYS A 158 2.20 15.65 8.12
C CYS A 158 3.32 16.28 7.31
N CYS A 159 4.30 16.90 7.97
CA CYS A 159 5.47 17.45 7.29
C CYS A 159 5.07 18.48 6.24
N THR A 160 4.22 19.43 6.65
CA THR A 160 3.65 20.37 5.70
C THR A 160 4.62 21.48 5.32
N THR A 161 5.37 22.01 6.29
CA THR A 161 6.32 23.07 5.99
C THR A 161 7.40 22.59 5.03
N GLY A 162 7.75 21.31 5.08
CA GLY A 162 8.83 20.74 4.29
C GLY A 162 9.93 20.13 5.14
N LYS A 163 10.09 20.62 6.37
CA LYS A 163 11.03 20.06 7.32
C LYS A 163 10.26 19.41 8.47
N CYS A 164 10.69 18.22 8.85
CA CYS A 164 10.09 17.48 9.96
C CYS A 164 11.03 16.35 10.32
N GLY A 165 11.00 15.96 11.60
CA GLY A 165 11.83 14.88 12.08
C GLY A 165 11.00 13.68 12.47
N PRO A 166 11.67 12.56 12.76
CA PRO A 166 10.94 11.39 13.25
C PRO A 166 10.29 11.69 14.59
N THR A 167 9.09 11.13 14.78
CA THR A 167 8.32 11.28 16.00
C THR A 167 8.23 9.94 16.71
N GLU A 168 7.61 9.96 17.90
CA GLU A 168 7.39 8.75 18.66
C GLU A 168 6.56 7.73 17.87
N TYR A 169 5.67 8.21 17.00
CA TYR A 169 4.79 7.32 16.26
C TYR A 169 5.49 6.72 15.03
N SER A 170 6.24 7.53 14.28
CA SER A 170 6.93 7.00 13.11
C SER A 170 7.97 5.97 13.50
N ARG A 171 8.59 6.12 14.68
CA ARG A 171 9.57 5.14 15.12
C ARG A 171 8.91 3.79 15.40
N PHE A 172 7.64 3.79 15.81
CA PHE A 172 6.93 2.54 16.02
C PHE A 172 6.83 1.76 14.72
N PHE A 173 6.29 2.38 13.67
CA PHE A 173 6.23 1.71 12.37
C PHE A 173 7.62 1.33 11.88
N LYS A 174 8.61 2.20 12.13
CA LYS A 174 9.96 1.93 11.63
C LYS A 174 10.61 0.79 12.39
N ARG A 175 10.40 0.74 13.71
CA ARG A 175 10.98 -0.33 14.52
C ARG A 175 10.50 -1.71 14.05
N LEU A 176 9.25 -1.80 13.58
CA LEU A 176 8.69 -3.08 13.17
C LEU A 176 8.91 -3.37 11.68
N CYS A 177 8.94 -2.34 10.84
CA CYS A 177 9.11 -2.50 9.39
C CYS A 177 10.17 -1.51 8.91
N PRO A 178 11.45 -1.84 9.08
CA PRO A 178 12.50 -0.90 8.65
C PRO A 178 12.49 -0.62 7.15
N ASP A 179 12.06 -1.58 6.33
CA ASP A 179 12.12 -1.44 4.88
C ASP A 179 10.96 -0.65 4.30
N ALA A 180 10.15 0.00 5.14
CA ALA A 180 9.02 0.78 4.69
C ALA A 180 9.15 2.22 5.16
N PHE A 181 8.55 3.14 4.42
CA PHE A 181 8.52 4.54 4.82
C PHE A 181 7.69 4.70 6.08
N SER A 182 8.26 5.37 7.09
CA SER A 182 7.56 5.67 8.33
C SER A 182 7.04 7.10 8.39
N TYR A 183 7.67 8.02 7.68
CA TYR A 183 7.15 9.37 7.55
C TYR A 183 7.69 9.95 6.23
N VAL A 184 7.24 11.17 5.91
CA VAL A 184 7.54 11.75 4.60
C VAL A 184 9.05 11.80 4.37
N LEU A 185 9.78 12.49 5.24
CA LEU A 185 11.21 12.66 5.08
C LEU A 185 12.02 11.49 5.62
N ASP A 186 11.39 10.34 5.81
CA ASP A 186 12.14 9.16 6.22
C ASP A 186 13.22 8.84 5.19
N LYS A 187 14.34 8.32 5.68
CA LYS A 187 15.43 7.94 4.79
CA LYS A 187 15.43 7.94 4.79
C LYS A 187 14.91 6.96 3.74
N PRO A 188 14.99 7.29 2.45
CA PRO A 188 14.39 6.42 1.43
C PRO A 188 14.75 4.94 1.57
N THR A 189 13.72 4.09 1.66
CA THR A 189 13.87 2.66 1.54
C THR A 189 13.52 2.16 0.15
N THR A 190 13.60 3.03 -0.85
CA THR A 190 13.21 2.68 -2.21
C THR A 190 14.20 1.72 -2.84
N VAL A 191 13.67 0.78 -3.63
CA VAL A 191 14.48 -0.14 -4.41
C VAL A 191 14.46 0.32 -5.86
N THR A 192 15.60 0.16 -6.54
CA THR A 192 15.72 0.52 -7.94
C THR A 192 15.81 -0.76 -8.77
N CYS A 193 14.89 -0.91 -9.71
CA CYS A 193 14.83 -2.08 -10.57
C CYS A 193 15.05 -1.69 -12.02
N PRO A 194 15.42 -2.63 -12.88
CA PRO A 194 15.51 -2.32 -14.31
C PRO A 194 14.15 -1.94 -14.87
N GLY A 195 14.16 -0.99 -15.81
CA GLY A 195 12.94 -0.61 -16.48
C GLY A 195 12.19 -1.79 -17.05
N SER A 196 10.85 -1.73 -16.99
CA SER A 196 9.96 -2.73 -17.56
C SER A 196 10.00 -4.05 -16.80
N SER A 197 10.40 -4.04 -15.53
CA SER A 197 10.34 -5.26 -14.74
C SER A 197 8.88 -5.63 -14.47
N ASN A 198 8.69 -6.86 -13.97
CA ASN A 198 7.40 -7.35 -13.54
C ASN A 198 7.47 -7.65 -12.04
N TYR A 199 6.30 -7.65 -11.40
CA TYR A 199 6.25 -7.71 -9.94
C TYR A 199 5.10 -8.58 -9.47
N ARG A 200 5.20 -9.03 -8.22
CA ARG A 200 4.13 -9.73 -7.53
C ARG A 200 3.91 -9.08 -6.17
N VAL A 201 2.66 -8.76 -5.87
CA VAL A 201 2.26 -8.25 -4.56
C VAL A 201 1.53 -9.38 -3.82
N THR A 202 2.03 -9.73 -2.64
CA THR A 202 1.45 -10.79 -1.82
C THR A 202 0.97 -10.21 -0.51
N PHE A 203 -0.32 -10.39 -0.23
CA PHE A 203 -0.89 -10.00 1.07
C PHE A 203 -0.73 -11.16 2.04
N CYS A 204 -0.28 -10.86 3.25
CA CYS A 204 0.04 -11.88 4.26
C CYS A 204 1.07 -12.85 3.70
N PRO A 205 2.27 -12.37 3.39
CA PRO A 205 3.27 -13.25 2.75
C PRO A 205 3.76 -14.39 3.64
N THR A 206 3.67 -14.26 4.96
CA THR A 206 4.10 -15.31 5.87
C THR A 206 2.93 -16.06 6.50
N ALA A 207 1.76 -15.98 5.89
CA ALA A 207 0.59 -16.68 6.42
C ALA A 207 -0.55 -16.66 5.40
O1 SRT B . -9.74 -16.58 -11.96
O11 SRT B . -9.44 -14.45 -11.63
C1 SRT B . -9.21 -15.65 -11.30
C2 SRT B . -8.29 -15.94 -10.13
O2 SRT B . -9.01 -15.76 -8.93
C3 SRT B . -7.74 -17.37 -10.19
O3 SRT B . -6.54 -17.34 -10.91
C4 SRT B . -7.47 -17.89 -8.79
O4 SRT B . -8.40 -18.44 -8.13
O41 SRT B . -6.31 -17.79 -8.29
H2 SRT B . -7.55 -15.31 -10.14
HA SRT B . -8.52 -15.36 -8.36
H3 SRT B . -8.38 -17.94 -10.65
HB SRT B . -6.55 -17.94 -11.51
NA NA C . 3.54 7.27 0.64
#